data_8C15
#
_entry.id   8C15
#
_cell.length_a   80.857
_cell.length_b   80.857
_cell.length_c   165.160
_cell.angle_alpha   90.000
_cell.angle_beta   90.000
_cell.angle_gamma   120.000
#
_symmetry.space_group_name_H-M   'P 61 2 2'
#
loop_
_entity.id
_entity.type
_entity.pdbx_description
1 polymer 'Aurora kinase A'
2 non-polymer "ADENOSINE-5'-DIPHOSPHATE"
3 non-polymer 'MAGNESIUM ION'
4 non-polymer '4-(4-chlorophenyl)-1~{H}-indole-6-carboxylic acid'
5 non-polymer '(1~{R},2~{R})-cyclohexane-1,2-dicarboxylic acid'
6 non-polymer 'SULFATE ION'
7 non-polymer 'DIMETHYL SULFOXIDE'
8 non-polymer 'ACETATE ION'
9 water water
#
_entity_poly.entity_id   1
_entity_poly.type   'polypeptide(L)'
_entity_poly.pdbx_seq_one_letter_code
;MGRQWALEDFEIGRPLGKGKFGNVYLAREKQSKFILALKVLFKAQLEKAGVEHQLRREVEIQSHLRHPNILRLYGYFHDA
TRVYLILEYAPLGTVYRELQKLSKFDEQRTATYITELANALSYCHSKRVIHRDIKPENLLLGSAGELKIADFGWSVHAPS
SRRTTLAGTLDYLPPEMIEGRMHDEKVDLWSLGVLCYEFLVGKPPFEANTYQETYKRISRVEFTFPDFVTEGARDLISRL
LKHNPSQRPMLREVLEHPWITANSS
;
_entity_poly.pdbx_strand_id   A
#
loop_
_chem_comp.id
_chem_comp.type
_chem_comp.name
_chem_comp.formula
ACT non-polymer 'ACETATE ION' 'C2 H3 O2 -1'
ADP non-polymer ADENOSINE-5'-DIPHOSPHATE 'C10 H15 N5 O10 P2'
DMS non-polymer 'DIMETHYL SULFOXIDE' 'C2 H6 O S'
MG non-polymer 'MAGNESIUM ION' 'Mg 2'
SO4 non-polymer 'SULFATE ION' 'O4 S -2'
T4C non-polymer '4-(4-chlorophenyl)-1~{H}-indole-6-carboxylic acid' 'C15 H10 Cl N O2'
T5L non-polymer '(1~{R},2~{R})-cyclohexane-1,2-dicarboxylic acid' 'C8 H12 O4'
#
# COMPACT_ATOMS: atom_id res chain seq x y z
N ARG A 3 -8.68 -8.29 25.07
CA ARG A 3 -9.37 -8.53 23.80
C ARG A 3 -10.60 -7.61 23.58
N GLN A 4 -11.51 -7.44 24.56
CA GLN A 4 -12.66 -6.53 24.37
C GLN A 4 -12.28 -5.13 24.83
N TRP A 5 -12.37 -4.16 23.91
CA TRP A 5 -12.03 -2.77 24.15
C TRP A 5 -13.27 -1.94 23.96
N ALA A 6 -13.20 -0.69 24.39
CA ALA A 6 -14.26 0.29 24.25
C ALA A 6 -13.57 1.63 24.11
N LEU A 7 -14.23 2.60 23.45
CA LEU A 7 -13.74 3.97 23.24
C LEU A 7 -13.24 4.62 24.53
N GLU A 8 -13.91 4.36 25.66
CA GLU A 8 -13.54 4.81 27.02
C GLU A 8 -12.14 4.36 27.48
N ASP A 9 -11.53 3.34 26.82
CA ASP A 9 -10.18 2.83 27.15
C ASP A 9 -9.04 3.66 26.53
N PHE A 10 -9.38 4.61 25.64
CA PHE A 10 -8.43 5.42 24.91
C PHE A 10 -8.64 6.92 25.05
N GLU A 11 -7.50 7.63 25.13
CA GLU A 11 -7.43 9.09 25.08
C GLU A 11 -7.14 9.42 23.61
N ILE A 12 -7.96 10.24 22.99
CA ILE A 12 -7.82 10.59 21.58
C ILE A 12 -7.01 11.86 21.38
N GLY A 13 -6.10 11.82 20.41
CA GLY A 13 -5.24 12.93 20.05
C GLY A 13 -5.68 13.53 18.74
N ARG A 14 -4.75 14.20 18.07
CA ARG A 14 -4.96 14.83 16.77
C ARG A 14 -5.24 13.80 15.66
N PRO A 15 -5.89 14.23 14.55
CA PRO A 15 -6.05 13.33 13.40
C PRO A 15 -4.69 13.10 12.75
N LEU A 16 -4.42 11.87 12.31
CA LEU A 16 -3.20 11.48 11.63
C LEU A 16 -3.41 11.54 10.12
N GLY A 17 -4.64 11.35 9.69
CA GLY A 17 -4.99 11.42 8.27
C GLY A 17 -6.46 11.20 8.00
N LYS A 18 -6.89 11.58 6.79
CA LYS A 18 -8.28 11.41 6.40
C LYS A 18 -8.43 10.16 5.59
N GLY A 19 -9.46 9.40 5.91
CA GLY A 19 -9.80 8.16 5.23
C GLY A 19 -11.01 8.33 4.34
N LYS A 20 -11.26 7.31 3.51
CA LYS A 20 -12.38 7.25 2.57
C LYS A 20 -13.70 7.07 3.34
N PHE A 21 -13.66 6.35 4.49
CA PHE A 21 -14.84 6.04 5.28
C PHE A 21 -14.85 6.61 6.71
N GLY A 22 -13.95 7.55 6.98
CA GLY A 22 -13.79 8.20 8.29
C GLY A 22 -12.40 8.79 8.44
N ASN A 23 -11.85 8.81 9.66
CA ASN A 23 -10.53 9.39 9.93
C ASN A 23 -9.64 8.52 10.82
N VAL A 24 -8.32 8.75 10.75
CA VAL A 24 -7.36 8.05 11.58
C VAL A 24 -6.88 9.05 12.63
N TYR A 25 -6.90 8.65 13.90
CA TYR A 25 -6.48 9.51 14.99
C TYR A 25 -5.38 8.89 15.79
N LEU A 26 -4.51 9.73 16.37
CA LEU A 26 -3.49 9.30 17.31
C LEU A 26 -4.24 9.02 18.63
N ALA A 27 -3.82 8.02 19.37
CA ALA A 27 -4.55 7.65 20.57
C ALA A 27 -3.61 6.97 21.55
N ARG A 28 -3.97 6.99 22.82
CA ARG A 28 -3.19 6.33 23.87
C ARG A 28 -4.11 5.47 24.76
N GLU A 29 -3.74 4.21 24.95
CA GLU A 29 -4.50 3.32 25.80
C GLU A 29 -4.23 3.75 27.24
N LYS A 30 -5.29 4.16 27.95
CA LYS A 30 -5.29 4.68 29.33
C LYS A 30 -4.48 3.89 30.36
N GLN A 31 -4.67 2.56 30.44
CA GLN A 31 -3.95 1.72 31.41
C GLN A 31 -2.44 1.59 31.15
N SER A 32 -2.03 1.17 29.95
CA SER A 32 -0.62 0.90 29.56
C SER A 32 0.16 2.12 29.02
N LYS A 33 -0.58 3.16 28.57
CA LYS A 33 -0.03 4.38 27.99
C LYS A 33 0.55 4.08 26.58
N PHE A 34 0.07 2.98 25.95
CA PHE A 34 0.51 2.54 24.62
C PHE A 34 0.00 3.48 23.54
N ILE A 35 0.90 4.11 22.78
CA ILE A 35 0.48 5.01 21.70
C ILE A 35 0.22 4.14 20.48
N LEU A 36 -0.87 4.43 19.81
CA LEU A 36 -1.37 3.71 18.69
C LEU A 36 -2.20 4.62 17.82
N ALA A 37 -2.64 4.11 16.66
CA ALA A 37 -3.52 4.82 15.73
C ALA A 37 -4.90 4.15 15.72
N LEU A 38 -5.96 4.96 15.80
CA LEU A 38 -7.33 4.44 15.78
C LEU A 38 -7.98 4.83 14.49
N LYS A 39 -8.25 3.82 13.63
CA LYS A 39 -8.92 4.06 12.36
C LYS A 39 -10.45 3.98 12.62
N VAL A 40 -11.14 5.13 12.51
CA VAL A 40 -12.56 5.27 12.80
C VAL A 40 -13.35 5.28 11.51
N LEU A 41 -14.30 4.36 11.40
CA LEU A 41 -15.12 4.24 10.20
C LEU A 41 -16.60 4.45 10.56
N PHE A 42 -17.37 5.05 9.65
CA PHE A 42 -18.81 5.25 9.91
C PHE A 42 -19.63 4.09 9.35
N LYS A 43 -20.45 3.46 10.22
CA LYS A 43 -21.30 2.31 9.84
C LYS A 43 -22.24 2.62 8.69
N ALA A 44 -22.89 3.79 8.73
CA ALA A 44 -23.83 4.24 7.69
C ALA A 44 -23.17 4.31 6.31
N GLN A 45 -21.96 4.90 6.24
CA GLN A 45 -21.17 5.05 5.03
C GLN A 45 -20.74 3.71 4.46
N LEU A 46 -20.27 2.79 5.33
CA LEU A 46 -19.83 1.45 4.94
C LEU A 46 -20.99 0.61 4.40
N GLU A 47 -22.18 0.74 5.04
CA GLU A 47 -23.43 0.06 4.64
C GLU A 47 -23.88 0.55 3.27
N LYS A 48 -23.94 1.89 3.09
CA LYS A 48 -24.33 2.55 1.84
C LYS A 48 -23.45 2.11 0.64
N ALA A 49 -22.14 1.93 0.89
CA ALA A 49 -21.16 1.48 -0.10
C ALA A 49 -21.20 -0.04 -0.29
N GLY A 50 -21.79 -0.74 0.68
CA GLY A 50 -21.91 -2.21 0.71
C GLY A 50 -20.56 -2.91 0.81
N VAL A 51 -19.67 -2.32 1.63
CA VAL A 51 -18.29 -2.77 1.88
C VAL A 51 -18.04 -3.26 3.31
N GLU A 52 -19.12 -3.55 4.08
CA GLU A 52 -19.08 -4.04 5.47
C GLU A 52 -18.41 -5.40 5.58
N HIS A 53 -18.36 -6.18 4.49
CA HIS A 53 -17.65 -7.48 4.50
C HIS A 53 -16.18 -7.33 4.11
N GLN A 54 -15.88 -6.41 3.19
CA GLN A 54 -14.48 -6.10 2.81
C GLN A 54 -13.72 -5.55 4.07
N LEU A 55 -14.44 -4.83 4.98
CA LEU A 55 -13.90 -4.36 6.26
C LEU A 55 -13.49 -5.53 7.15
N ARG A 56 -14.31 -6.60 7.16
CA ARG A 56 -14.05 -7.84 7.92
C ARG A 56 -12.82 -8.54 7.35
N ARG A 57 -12.65 -8.50 6.03
CA ARG A 57 -11.51 -9.04 5.31
C ARG A 57 -10.18 -8.30 5.64
N GLU A 58 -10.22 -6.95 5.70
CA GLU A 58 -9.11 -6.06 6.06
C GLU A 58 -8.63 -6.47 7.49
N VAL A 59 -9.59 -6.59 8.43
CA VAL A 59 -9.33 -6.98 9.82
C VAL A 59 -8.74 -8.39 9.89
N GLU A 60 -9.41 -9.39 9.31
CA GLU A 60 -8.97 -10.77 9.32
C GLU A 60 -7.59 -10.99 8.71
N ILE A 61 -7.34 -10.41 7.51
CA ILE A 61 -6.05 -10.52 6.81
C ILE A 61 -4.91 -9.82 7.57
N GLN A 62 -5.07 -8.52 7.90
CA GLN A 62 -4.01 -7.72 8.56
C GLN A 62 -3.68 -8.17 9.96
N SER A 63 -4.68 -8.61 10.73
CA SER A 63 -4.43 -9.06 12.10
C SER A 63 -3.62 -10.35 12.18
N HIS A 64 -3.56 -11.12 11.08
CA HIS A 64 -2.81 -12.38 11.07
C HIS A 64 -1.42 -12.26 10.43
N LEU A 65 -1.06 -11.06 9.92
CA LEU A 65 0.27 -10.84 9.32
C LEU A 65 1.28 -10.38 10.39
N ARG A 66 2.48 -10.99 10.41
CA ARG A 66 3.55 -10.60 11.32
C ARG A 66 4.83 -10.52 10.51
N HIS A 67 5.23 -9.28 10.20
CA HIS A 67 6.43 -8.97 9.44
C HIS A 67 6.87 -7.55 9.85
N PRO A 68 8.18 -7.29 10.06
CA PRO A 68 8.61 -5.91 10.44
C PRO A 68 8.29 -4.80 9.42
N ASN A 69 8.02 -5.16 8.14
CA ASN A 69 7.65 -4.18 7.10
C ASN A 69 6.14 -4.13 6.79
N ILE A 70 5.31 -4.74 7.67
CA ILE A 70 3.86 -4.74 7.57
C ILE A 70 3.32 -4.12 8.86
N LEU A 71 2.41 -3.12 8.73
CA LEU A 71 1.78 -2.44 9.85
C LEU A 71 0.82 -3.38 10.60
N ARG A 72 1.00 -3.47 11.91
CA ARG A 72 0.20 -4.32 12.79
C ARG A 72 -1.19 -3.78 13.04
N LEU A 73 -2.15 -4.70 13.16
N LEU A 73 -2.14 -4.71 13.14
CA LEU A 73 -3.53 -4.40 13.50
CA LEU A 73 -3.55 -4.50 13.47
C LEU A 73 -3.77 -5.27 14.72
C LEU A 73 -3.65 -5.30 14.77
N TYR A 74 -3.92 -4.63 15.89
CA TYR A 74 -4.01 -5.29 17.19
C TYR A 74 -5.38 -5.85 17.55
N GLY A 75 -6.41 -5.23 16.99
CA GLY A 75 -7.79 -5.61 17.24
C GLY A 75 -8.72 -4.57 16.69
N TYR A 76 -9.96 -4.60 17.18
CA TYR A 76 -11.05 -3.71 16.77
C TYR A 76 -12.16 -3.80 17.79
N PHE A 77 -13.06 -2.84 17.74
CA PHE A 77 -14.27 -2.74 18.54
C PHE A 77 -15.21 -1.81 17.76
N HIS A 78 -16.46 -1.70 18.20
CA HIS A 78 -17.46 -0.86 17.52
C HIS A 78 -18.60 -0.50 18.44
N ASP A 79 -19.29 0.57 18.09
CA ASP A 79 -20.45 1.07 18.80
C ASP A 79 -21.62 1.29 17.83
N ALA A 80 -22.67 1.99 18.28
CA ALA A 80 -23.88 2.21 17.50
C ALA A 80 -23.65 2.84 16.12
N THR A 81 -22.65 3.73 15.99
CA THR A 81 -22.41 4.43 14.75
C THR A 81 -21.06 4.16 14.05
N ARG A 82 -20.06 3.66 14.82
CA ARG A 82 -18.70 3.51 14.27
C ARG A 82 -18.01 2.21 14.51
N VAL A 83 -17.01 1.89 13.64
CA VAL A 83 -16.10 0.75 13.76
C VAL A 83 -14.70 1.37 14.03
N TYR A 84 -13.93 0.79 14.97
CA TYR A 84 -12.60 1.28 15.34
C TYR A 84 -11.59 0.20 15.15
N LEU A 85 -10.57 0.46 14.31
CA LEU A 85 -9.46 -0.47 14.06
C LEU A 85 -8.25 0.06 14.86
N ILE A 86 -7.66 -0.80 15.72
CA ILE A 86 -6.53 -0.48 16.58
C ILE A 86 -5.29 -0.89 15.85
N LEU A 87 -4.56 0.11 15.34
CA LEU A 87 -3.35 -0.02 14.53
C LEU A 87 -2.10 0.45 15.26
N GLU A 88 -0.94 -0.05 14.80
CA GLU A 88 0.38 0.35 15.25
C GLU A 88 0.60 1.78 14.72
N TYR A 89 1.15 2.66 15.55
CA TYR A 89 1.37 4.03 15.13
C TYR A 89 2.69 4.10 14.32
N ALA A 90 2.65 4.73 13.13
CA ALA A 90 3.83 4.91 12.27
C ALA A 90 4.27 6.38 12.44
N PRO A 91 5.26 6.60 13.34
CA PRO A 91 5.59 7.99 13.72
C PRO A 91 6.18 8.87 12.63
N LEU A 92 6.86 8.32 11.61
CA LEU A 92 7.45 9.22 10.59
C LEU A 92 6.53 9.46 9.37
N GLY A 93 5.24 9.15 9.52
CA GLY A 93 4.21 9.42 8.52
C GLY A 93 4.27 8.56 7.28
N THR A 94 3.70 9.07 6.16
CA THR A 94 3.60 8.43 4.85
C THR A 94 4.79 8.71 3.99
N VAL A 95 5.04 7.79 3.02
CA VAL A 95 6.12 7.91 2.02
C VAL A 95 5.67 9.03 1.08
N TYR A 96 4.34 9.22 0.97
CA TYR A 96 3.65 10.25 0.20
C TYR A 96 4.13 11.65 0.61
N ARG A 97 4.09 11.95 1.93
CA ARG A 97 4.52 13.23 2.48
C ARG A 97 6.02 13.44 2.24
N GLU A 98 6.84 12.38 2.44
CA GLU A 98 8.29 12.45 2.19
C GLU A 98 8.61 12.81 0.74
N LEU A 99 7.84 12.28 -0.18
CA LEU A 99 8.00 12.50 -1.60
C LEU A 99 7.58 13.91 -1.96
N GLN A 100 6.56 14.44 -1.30
CA GLN A 100 6.08 15.81 -1.48
C GLN A 100 7.10 16.87 -1.08
N LYS A 101 7.88 16.60 -0.02
CA LYS A 101 8.88 17.53 0.46
C LYS A 101 10.25 17.35 -0.22
N LEU A 102 10.61 16.12 -0.65
CA LEU A 102 11.91 15.86 -1.31
C LEU A 102 11.84 15.96 -2.83
N SER A 103 10.60 15.96 -3.41
CA SER A 103 10.28 15.94 -4.85
C SER A 103 10.54 14.55 -5.48
N LYS A 104 11.73 13.98 -5.30
CA LYS A 104 12.17 12.67 -5.83
C LYS A 104 13.14 12.08 -4.81
N PHE A 105 13.29 10.76 -4.84
CA PHE A 105 14.26 10.07 -4.00
C PHE A 105 15.46 9.68 -4.85
N ASP A 106 16.64 9.54 -4.24
CA ASP A 106 17.80 9.09 -5.01
C ASP A 106 17.71 7.58 -5.25
N GLU A 107 18.63 7.03 -6.01
CA GLU A 107 18.64 5.60 -6.32
C GLU A 107 18.81 4.69 -5.12
N GLN A 108 19.51 5.18 -4.09
CA GLN A 108 19.80 4.40 -2.88
C GLN A 108 18.56 4.25 -1.98
N ARG A 109 17.86 5.38 -1.69
CA ARG A 109 16.62 5.45 -0.92
C ARG A 109 15.55 4.63 -1.64
N THR A 110 15.41 4.81 -2.99
CA THR A 110 14.46 4.08 -3.83
C THR A 110 14.67 2.57 -3.73
N ALA A 111 15.89 2.11 -4.07
CA ALA A 111 16.23 0.68 -4.03
C ALA A 111 15.97 0.06 -2.68
N THR A 112 16.26 0.80 -1.56
CA THR A 112 16.05 0.31 -0.18
C THR A 112 14.54 0.09 0.10
N TYR A 113 13.72 1.09 -0.27
CA TYR A 113 12.27 1.01 -0.12
C TYR A 113 11.71 -0.15 -0.95
N ILE A 114 12.22 -0.33 -2.21
CA ILE A 114 11.83 -1.41 -3.11
C ILE A 114 12.18 -2.79 -2.50
N THR A 115 13.34 -2.92 -1.85
CA THR A 115 13.74 -4.14 -1.16
C THR A 115 12.77 -4.47 -0.01
N GLU A 116 12.50 -3.46 0.87
CA GLU A 116 11.57 -3.53 2.01
C GLU A 116 10.16 -3.97 1.56
N LEU A 117 9.63 -3.37 0.45
CA LEU A 117 8.34 -3.69 -0.15
C LEU A 117 8.31 -5.12 -0.66
N ALA A 118 9.33 -5.52 -1.45
CA ALA A 118 9.45 -6.86 -2.03
C ALA A 118 9.47 -7.92 -0.95
N ASN A 119 10.14 -7.65 0.17
CA ASN A 119 10.19 -8.60 1.29
C ASN A 119 8.84 -8.72 1.96
N ALA A 120 8.15 -7.57 2.19
CA ALA A 120 6.83 -7.60 2.82
C ALA A 120 5.80 -8.27 1.91
N LEU A 121 5.87 -7.96 0.58
CA LEU A 121 5.01 -8.56 -0.42
C LEU A 121 5.25 -10.06 -0.58
N SER A 122 6.52 -10.50 -0.49
CA SER A 122 6.89 -11.92 -0.57
C SER A 122 6.21 -12.69 0.54
N TYR A 123 6.17 -12.12 1.76
CA TYR A 123 5.51 -12.70 2.92
C TYR A 123 3.99 -12.80 2.69
N CYS A 124 3.39 -11.72 2.13
CA CYS A 124 1.95 -11.66 1.83
C CYS A 124 1.58 -12.71 0.83
N HIS A 125 2.30 -12.77 -0.28
CA HIS A 125 2.03 -13.70 -1.37
C HIS A 125 2.19 -15.17 -0.95
N SER A 126 3.04 -15.45 0.06
CA SER A 126 3.25 -16.81 0.59
C SER A 126 2.00 -17.31 1.32
N LYS A 127 1.10 -16.37 1.70
CA LYS A 127 -0.19 -16.65 2.35
C LYS A 127 -1.33 -16.45 1.33
N ARG A 128 -0.97 -16.26 0.05
CA ARG A 128 -1.86 -16.00 -1.10
C ARG A 128 -2.63 -14.68 -0.91
N VAL A 129 -2.06 -13.74 -0.14
CA VAL A 129 -2.64 -12.44 0.13
C VAL A 129 -2.21 -11.44 -0.94
N ILE A 130 -3.18 -10.77 -1.56
CA ILE A 130 -2.92 -9.72 -2.53
C ILE A 130 -3.29 -8.42 -1.84
N HIS A 131 -2.37 -7.45 -1.81
CA HIS A 131 -2.66 -6.17 -1.17
C HIS A 131 -3.66 -5.35 -2.00
N ARG A 132 -3.40 -5.23 -3.32
CA ARG A 132 -4.16 -4.52 -4.36
C ARG A 132 -4.23 -2.98 -4.18
N ASP A 133 -3.72 -2.40 -3.07
CA ASP A 133 -3.77 -0.94 -2.88
C ASP A 133 -2.43 -0.35 -2.39
N ILE A 134 -1.35 -0.76 -3.05
CA ILE A 134 0.03 -0.32 -2.78
C ILE A 134 0.24 1.04 -3.42
N LYS A 135 0.38 2.05 -2.61
CA LYS A 135 0.55 3.42 -3.07
C LYS A 135 1.25 4.24 -1.96
N PRO A 136 1.98 5.34 -2.35
CA PRO A 136 2.71 6.10 -1.34
C PRO A 136 1.96 6.48 -0.02
N GLU A 137 0.68 6.76 -0.08
CA GLU A 137 -0.13 7.13 1.08
C GLU A 137 -0.51 5.93 1.98
N ASN A 138 -0.26 4.69 1.50
CA ASN A 138 -0.50 3.45 2.23
C ASN A 138 0.80 2.84 2.69
N LEU A 139 1.91 3.57 2.49
CA LEU A 139 3.24 3.17 2.91
C LEU A 139 3.67 4.11 3.99
N LEU A 140 3.71 3.59 5.20
CA LEU A 140 4.05 4.35 6.38
C LEU A 140 5.49 4.12 6.85
N LEU A 141 6.04 5.04 7.66
CA LEU A 141 7.43 4.97 8.13
C LEU A 141 7.50 4.80 9.62
N GLY A 142 8.22 3.76 10.02
CA GLY A 142 8.46 3.46 11.44
C GLY A 142 9.44 4.44 12.07
N SER A 143 9.79 4.25 13.37
CA SER A 143 10.71 5.17 14.10
C SER A 143 12.13 5.25 13.50
N ALA A 144 12.60 4.17 12.86
CA ALA A 144 13.92 4.11 12.23
C ALA A 144 13.87 4.49 10.72
N GLY A 145 12.72 4.97 10.25
CA GLY A 145 12.51 5.28 8.84
C GLY A 145 12.28 4.04 7.95
N GLU A 146 12.00 2.84 8.56
CA GLU A 146 11.70 1.60 7.85
C GLU A 146 10.26 1.62 7.25
N LEU A 147 10.12 1.15 6.01
CA LEU A 147 8.85 1.14 5.28
C LEU A 147 7.92 0.08 5.88
N LYS A 148 6.63 0.43 6.04
CA LYS A 148 5.59 -0.44 6.56
C LYS A 148 4.37 -0.38 5.65
N ILE A 149 4.01 -1.55 5.10
CA ILE A 149 2.83 -1.66 4.26
C ILE A 149 1.62 -1.53 5.18
N ALA A 150 0.75 -0.59 4.84
CA ALA A 150 -0.49 -0.33 5.58
C ALA A 150 -1.73 -0.31 4.65
N ASP A 151 -2.90 -0.14 5.23
CA ASP A 151 -4.19 -0.08 4.55
C ASP A 151 -4.49 -1.36 3.69
N PHE A 152 -4.94 -2.38 4.42
CA PHE A 152 -5.33 -3.66 3.86
C PHE A 152 -6.83 -3.66 3.50
N GLY A 153 -7.39 -2.45 3.36
CA GLY A 153 -8.77 -2.16 3.01
C GLY A 153 -9.31 -2.95 1.84
N TRP A 154 -8.52 -3.11 0.77
CA TRP A 154 -8.88 -3.81 -0.47
C TRP A 154 -8.23 -5.17 -0.65
N SER A 155 -7.53 -5.63 0.38
CA SER A 155 -6.81 -6.90 0.43
C SER A 155 -7.80 -8.06 0.25
N VAL A 156 -7.38 -9.11 -0.48
CA VAL A 156 -8.12 -10.34 -0.78
C VAL A 156 -7.13 -11.50 -0.89
N HIS A 157 -7.65 -12.74 -0.92
CA HIS A 157 -6.87 -13.95 -1.16
C HIS A 157 -6.93 -14.26 -2.66
N ALA A 158 -5.78 -14.66 -3.22
CA ALA A 158 -5.61 -14.97 -4.64
C ALA A 158 -6.05 -16.40 -4.94
N PRO A 159 -6.71 -16.67 -6.10
CA PRO A 159 -7.11 -15.71 -7.14
C PRO A 159 -8.41 -14.98 -6.81
N SER A 160 -8.61 -13.84 -7.44
CA SER A 160 -9.79 -13.05 -7.18
C SER A 160 -10.31 -12.43 -8.48
N SER A 161 -11.63 -12.27 -8.56
CA SER A 161 -12.33 -11.67 -9.68
C SER A 161 -13.31 -10.66 -9.05
N ARG A 162 -12.84 -9.99 -7.96
CA ARG A 162 -13.57 -9.00 -7.17
C ARG A 162 -13.25 -7.57 -7.59
N ARG A 163 -14.28 -6.71 -7.73
CA ARG A 163 -14.13 -5.31 -8.15
C ARG A 163 -14.10 -4.35 -6.96
N GLY A 168 -10.35 5.98 -4.94
CA GLY A 168 -9.22 6.80 -5.37
C GLY A 168 -8.84 6.61 -6.82
N THR A 169 -7.69 7.19 -7.24
CA THR A 169 -7.19 7.10 -8.62
C THR A 169 -6.78 5.67 -9.01
N LEU A 170 -6.71 5.43 -10.32
CA LEU A 170 -6.31 4.13 -10.90
C LEU A 170 -4.81 3.98 -11.01
N ASP A 171 -4.06 5.07 -10.73
CA ASP A 171 -2.60 5.24 -10.89
C ASP A 171 -1.76 4.01 -10.58
N TYR A 172 -2.15 3.18 -9.59
CA TYR A 172 -1.34 2.01 -9.15
C TYR A 172 -1.95 0.66 -9.53
N LEU A 173 -3.14 0.68 -10.17
CA LEU A 173 -3.84 -0.54 -10.57
C LEU A 173 -3.39 -1.08 -11.92
N PRO A 174 -3.14 -2.40 -12.00
CA PRO A 174 -2.69 -3.00 -13.27
C PRO A 174 -3.83 -3.16 -14.29
N PRO A 175 -3.53 -3.45 -15.60
CA PRO A 175 -4.63 -3.59 -16.60
C PRO A 175 -5.71 -4.62 -16.29
N GLU A 176 -5.38 -5.84 -15.79
CA GLU A 176 -6.35 -6.89 -15.42
C GLU A 176 -7.32 -6.50 -14.27
N MET A 177 -6.87 -5.70 -13.30
CA MET A 177 -7.65 -5.20 -12.15
C MET A 177 -8.63 -4.13 -12.58
N ILE A 178 -8.19 -3.34 -13.53
CA ILE A 178 -9.03 -2.42 -14.26
C ILE A 178 -9.54 -3.46 -15.32
N GLU A 179 -10.67 -3.23 -16.05
CA GLU A 179 -11.21 -4.27 -16.96
C GLU A 179 -12.03 -5.33 -16.17
N GLY A 180 -11.88 -5.33 -14.83
CA GLY A 180 -12.53 -6.22 -13.87
C GLY A 180 -12.35 -7.71 -14.14
N ARG A 181 -11.18 -8.09 -14.64
CA ARG A 181 -10.87 -9.48 -14.99
C ARG A 181 -10.25 -10.17 -13.77
N MET A 182 -10.06 -11.51 -13.88
CA MET A 182 -9.45 -12.35 -12.85
C MET A 182 -8.01 -11.92 -12.64
N HIS A 183 -7.57 -11.91 -11.37
CA HIS A 183 -6.22 -11.48 -11.00
C HIS A 183 -5.62 -12.24 -9.82
N ASP A 184 -4.30 -12.23 -9.74
CA ASP A 184 -3.57 -12.88 -8.65
C ASP A 184 -2.55 -11.90 -8.04
N GLU A 185 -1.49 -12.47 -7.42
CA GLU A 185 -0.39 -11.79 -6.74
C GLU A 185 0.45 -10.91 -7.67
N LYS A 186 0.34 -11.14 -9.00
CA LYS A 186 1.06 -10.36 -9.99
C LYS A 186 0.61 -8.90 -10.05
N VAL A 187 -0.57 -8.56 -9.49
CA VAL A 187 -1.04 -7.17 -9.46
C VAL A 187 -0.10 -6.30 -8.59
N ASP A 188 0.46 -6.91 -7.51
CA ASP A 188 1.34 -6.20 -6.60
C ASP A 188 2.72 -5.97 -7.23
N LEU A 189 3.14 -6.83 -8.18
CA LEU A 189 4.41 -6.65 -8.91
C LEU A 189 4.31 -5.42 -9.83
N TRP A 190 3.13 -5.24 -10.49
CA TRP A 190 2.87 -4.09 -11.34
C TRP A 190 2.96 -2.81 -10.51
N SER A 191 2.31 -2.83 -9.31
CA SER A 191 2.23 -1.71 -8.37
C SER A 191 3.61 -1.29 -7.91
N LEU A 192 4.50 -2.29 -7.71
CA LEU A 192 5.89 -2.14 -7.36
C LEU A 192 6.69 -1.35 -8.43
N GLY A 193 6.42 -1.63 -9.71
CA GLY A 193 7.06 -0.92 -10.82
C GLY A 193 6.59 0.52 -10.91
N VAL A 194 5.30 0.77 -10.64
CA VAL A 194 4.68 2.12 -10.62
C VAL A 194 5.33 2.94 -9.47
N LEU A 195 5.60 2.28 -8.32
CA LEU A 195 6.23 2.91 -7.16
C LEU A 195 7.65 3.31 -7.50
N CYS A 196 8.47 2.32 -7.95
CA CYS A 196 9.85 2.54 -8.33
C CYS A 196 10.01 3.75 -9.23
N TYR A 197 9.17 3.88 -10.27
CA TYR A 197 9.11 5.00 -11.21
C TYR A 197 8.80 6.26 -10.45
N GLU A 198 7.73 6.26 -9.59
CA GLU A 198 7.31 7.47 -8.84
C GLU A 198 8.34 7.98 -7.88
N PHE A 199 9.02 7.06 -7.17
CA PHE A 199 10.12 7.38 -6.24
C PHE A 199 11.25 8.09 -6.98
N LEU A 200 11.65 7.60 -8.16
CA LEU A 200 12.71 8.22 -8.94
C LEU A 200 12.29 9.48 -9.70
N VAL A 201 11.07 9.53 -10.22
CA VAL A 201 10.61 10.63 -11.09
C VAL A 201 9.83 11.73 -10.36
N GLY A 202 9.14 11.38 -9.29
CA GLY A 202 8.34 12.34 -8.54
C GLY A 202 6.86 12.24 -8.82
N LYS A 203 6.47 11.44 -9.82
CA LYS A 203 5.08 11.23 -10.16
C LYS A 203 4.86 9.85 -10.78
N PRO A 204 3.68 9.20 -10.61
CA PRO A 204 3.49 7.86 -11.22
C PRO A 204 3.48 7.91 -12.77
N PRO A 205 3.82 6.77 -13.45
CA PRO A 205 3.99 6.80 -14.92
C PRO A 205 2.74 7.02 -15.77
N PHE A 206 1.56 6.76 -15.22
CA PHE A 206 0.28 6.87 -15.94
C PHE A 206 -0.55 8.03 -15.40
N GLU A 207 0.06 8.89 -14.58
CA GLU A 207 -0.61 10.08 -14.03
C GLU A 207 -1.23 10.92 -15.16
N ALA A 208 -2.48 11.39 -14.94
CA ALA A 208 -3.28 12.19 -15.86
C ALA A 208 -4.30 13.02 -15.14
N ASN A 209 -4.95 13.92 -15.88
CA ASN A 209 -5.95 14.84 -15.37
C ASN A 209 -7.26 14.17 -15.04
N THR A 210 -7.55 13.07 -15.74
CA THR A 210 -8.80 12.36 -15.61
C THR A 210 -8.55 10.89 -15.43
N TYR A 211 -9.54 10.21 -14.84
CA TYR A 211 -9.61 8.77 -14.62
C TYR A 211 -9.61 8.06 -15.98
N GLN A 212 -10.29 8.68 -16.97
CA GLN A 212 -10.48 8.20 -18.35
C GLN A 212 -9.14 8.09 -19.07
N GLU A 213 -8.38 9.20 -19.10
CA GLU A 213 -7.02 9.28 -19.62
C GLU A 213 -6.04 8.27 -18.91
N THR A 214 -6.06 8.17 -17.54
CA THR A 214 -5.21 7.22 -16.77
C THR A 214 -5.55 5.79 -17.18
N TYR A 215 -6.86 5.47 -17.28
CA TYR A 215 -7.34 4.15 -17.73
C TYR A 215 -6.71 3.76 -19.07
N LYS A 216 -6.79 4.66 -20.05
CA LYS A 216 -6.23 4.42 -21.39
C LYS A 216 -4.71 4.11 -21.35
N ARG A 217 -3.93 4.97 -20.62
CA ARG A 217 -2.47 4.84 -20.44
C ARG A 217 -2.06 3.51 -19.84
N ILE A 218 -2.81 3.03 -18.84
CA ILE A 218 -2.54 1.74 -18.18
C ILE A 218 -2.79 0.61 -19.17
N SER A 219 -3.95 0.65 -19.83
CA SER A 219 -4.44 -0.33 -20.81
C SER A 219 -3.40 -0.51 -21.95
N ARG A 220 -2.88 0.62 -22.47
CA ARG A 220 -1.84 0.68 -23.51
C ARG A 220 -0.42 0.44 -22.98
N VAL A 221 -0.15 0.58 -21.64
CA VAL A 221 1.18 0.55 -21.00
C VAL A 221 1.99 1.72 -21.61
N GLU A 222 1.30 2.85 -21.77
CA GLU A 222 1.83 4.05 -22.36
C GLU A 222 2.53 4.99 -21.32
N PHE A 223 3.87 4.88 -21.26
CA PHE A 223 4.69 5.73 -20.38
C PHE A 223 6.10 5.93 -20.97
N THR A 224 6.74 7.06 -20.62
CA THR A 224 8.13 7.38 -20.99
C THR A 224 8.94 7.76 -19.76
N PHE A 225 10.29 7.63 -19.83
CA PHE A 225 11.18 7.99 -18.72
C PHE A 225 11.86 9.35 -18.93
N PRO A 226 12.07 10.18 -17.88
CA PRO A 226 12.89 11.38 -18.08
C PRO A 226 14.34 10.92 -18.24
N ASP A 227 15.20 11.77 -18.80
CA ASP A 227 16.58 11.42 -19.12
C ASP A 227 17.44 10.97 -17.92
N PHE A 228 17.21 11.55 -16.73
CA PHE A 228 17.99 11.23 -15.53
C PHE A 228 17.79 9.80 -14.98
N VAL A 229 16.77 9.07 -15.44
CA VAL A 229 16.54 7.68 -15.02
C VAL A 229 17.59 6.78 -15.65
N THR A 230 18.36 6.07 -14.83
CA THR A 230 19.44 5.20 -15.29
C THR A 230 18.95 3.93 -15.97
N GLU A 231 19.85 3.30 -16.76
CA GLU A 231 19.61 2.06 -17.52
C GLU A 231 19.08 0.94 -16.65
N GLY A 232 19.69 0.74 -15.47
CA GLY A 232 19.31 -0.30 -14.51
C GLY A 232 17.92 -0.09 -13.96
N ALA A 233 17.56 1.19 -13.68
CA ALA A 233 16.25 1.56 -13.17
C ALA A 233 15.21 1.33 -14.26
N ARG A 234 15.50 1.77 -15.52
CA ARG A 234 14.65 1.57 -16.71
C ARG A 234 14.37 0.09 -16.93
N ASP A 235 15.39 -0.76 -16.77
CA ASP A 235 15.28 -2.21 -16.95
C ASP A 235 14.32 -2.84 -15.97
N LEU A 236 14.49 -2.57 -14.66
CA LEU A 236 13.65 -3.12 -13.60
C LEU A 236 12.17 -2.69 -13.79
N ILE A 237 11.91 -1.38 -14.00
CA ILE A 237 10.58 -0.81 -14.19
C ILE A 237 9.89 -1.45 -15.41
N SER A 238 10.61 -1.50 -16.55
CA SER A 238 10.09 -2.08 -17.81
C SER A 238 9.73 -3.54 -17.66
N ARG A 239 10.46 -4.29 -16.81
CA ARG A 239 10.20 -5.70 -16.53
C ARG A 239 8.94 -5.88 -15.68
N LEU A 240 8.66 -4.92 -14.78
CA LEU A 240 7.52 -4.94 -13.88
C LEU A 240 6.26 -4.45 -14.57
N LEU A 241 6.39 -3.45 -15.45
CA LEU A 241 5.22 -2.92 -16.14
C LEU A 241 4.91 -3.65 -17.46
N LYS A 242 4.61 -4.95 -17.35
CA LYS A 242 4.16 -5.80 -18.44
C LYS A 242 2.64 -5.96 -18.38
N HIS A 243 1.94 -5.71 -19.51
CA HIS A 243 0.49 -5.85 -19.64
C HIS A 243 0.08 -7.27 -19.24
N ASN A 244 0.87 -8.28 -19.67
CA ASN A 244 0.64 -9.67 -19.34
C ASN A 244 1.16 -9.99 -17.95
N PRO A 245 0.26 -10.27 -16.96
CA PRO A 245 0.73 -10.60 -15.60
C PRO A 245 1.74 -11.75 -15.50
N SER A 246 1.65 -12.75 -16.39
CA SER A 246 2.55 -13.90 -16.45
C SER A 246 4.00 -13.52 -16.80
N GLN A 247 4.16 -12.43 -17.58
N GLN A 247 4.16 -12.43 -17.57
CA GLN A 247 5.45 -11.88 -18.01
CA GLN A 247 5.44 -11.89 -18.01
C GLN A 247 6.19 -11.09 -16.92
C GLN A 247 6.18 -11.09 -16.92
N ARG A 248 5.47 -10.71 -15.84
CA ARG A 248 6.04 -9.95 -14.71
C ARG A 248 6.95 -10.88 -13.89
N PRO A 249 8.13 -10.42 -13.43
CA PRO A 249 9.03 -11.34 -12.70
C PRO A 249 8.55 -11.69 -11.29
N MET A 250 9.14 -12.71 -10.67
CA MET A 250 8.87 -13.09 -9.29
C MET A 250 9.58 -12.06 -8.38
N LEU A 251 9.19 -11.98 -7.10
CA LEU A 251 9.81 -11.04 -6.18
C LEU A 251 11.28 -11.38 -5.90
N ARG A 252 11.64 -12.69 -5.97
CA ARG A 252 13.01 -13.19 -5.81
C ARG A 252 13.92 -12.53 -6.88
N GLU A 253 13.41 -12.41 -8.14
CA GLU A 253 14.10 -11.80 -9.27
C GLU A 253 14.29 -10.30 -9.05
N VAL A 254 13.28 -9.61 -8.44
CA VAL A 254 13.35 -8.18 -8.12
C VAL A 254 14.49 -7.96 -7.10
N LEU A 255 14.50 -8.76 -6.02
CA LEU A 255 15.48 -8.70 -4.95
C LEU A 255 16.92 -9.00 -5.41
N GLU A 256 17.06 -9.83 -6.45
CA GLU A 256 18.36 -10.20 -7.04
C GLU A 256 18.74 -9.35 -8.26
N HIS A 257 17.89 -8.36 -8.67
CA HIS A 257 18.17 -7.51 -9.83
C HIS A 257 19.43 -6.70 -9.58
N PRO A 258 20.36 -6.61 -10.57
CA PRO A 258 21.64 -5.90 -10.35
C PRO A 258 21.51 -4.45 -9.88
N TRP A 259 20.48 -3.72 -10.33
CA TRP A 259 20.27 -2.32 -9.93
C TRP A 259 19.86 -2.23 -8.44
N ILE A 260 19.08 -3.21 -7.96
CA ILE A 260 18.64 -3.34 -6.58
C ILE A 260 19.85 -3.68 -5.69
N THR A 261 20.58 -4.74 -6.03
CA THR A 261 21.76 -5.20 -5.25
C THR A 261 22.85 -4.14 -5.17
N ALA A 262 23.06 -3.34 -6.24
CA ALA A 262 24.04 -2.24 -6.34
C ALA A 262 23.65 -0.95 -5.58
N ASN A 263 22.33 -0.65 -5.40
CA ASN A 263 21.93 0.58 -4.73
C ASN A 263 21.25 0.38 -3.37
N SER A 264 20.84 -0.84 -3.03
CA SER A 264 20.21 -1.19 -1.76
C SER A 264 21.30 -1.80 -0.88
N SER A 265 21.39 -1.45 0.43
CA SER A 265 20.54 -0.56 1.20
C SER A 265 21.42 0.36 2.06
PB ADP B . -8.14 4.58 4.05
O1B ADP B . -7.46 5.15 2.80
O2B ADP B . -9.36 5.46 4.20
O3B ADP B . -8.41 3.06 3.92
PA ADP B . -5.76 4.51 5.85
O1A ADP B . -4.76 4.41 4.78
O2A ADP B . -5.73 3.28 6.68
O3A ADP B . -7.22 4.89 5.32
O5' ADP B . -5.39 5.85 6.63
C5' ADP B . -5.58 7.17 6.09
C4' ADP B . -4.35 8.01 6.32
O4' ADP B . -4.14 8.16 7.74
C3' ADP B . -3.04 7.42 5.82
O3' ADP B . -2.74 7.64 4.45
C2' ADP B . -2.02 8.14 6.69
O2' ADP B . -1.69 9.46 6.24
C1' ADP B . -2.75 8.12 8.04
N9 ADP B . -2.47 6.91 8.80
C8 ADP B . -3.14 5.71 8.73
N7 ADP B . -2.70 4.79 9.55
C5 ADP B . -1.67 5.44 10.23
C6 ADP B . -0.80 5.00 11.25
N6 ADP B . -0.86 3.79 11.81
N1 ADP B . 0.14 5.88 11.69
C2 ADP B . 0.17 7.10 11.16
N3 ADP B . -0.60 7.62 10.20
C4 ADP B . -1.51 6.72 9.78
MG MG C . -4.87 3.71 2.99
MG MG D . -7.89 2.00 2.20
C2 T4C E . -21.08 -4.57 12.59
O1 T4C E . -24.25 -4.20 14.26
C4 T4C E . -18.81 -4.39 11.60
C7 T4C E . -16.14 -5.14 11.49
C6 T4C E . -16.89 -5.15 10.34
CL T4C E . -14.45 -5.59 11.42
C5 T4C E . -18.23 -4.78 10.40
C8 T4C E . -16.69 -4.77 12.70
C9 T4C E . -18.02 -4.40 12.75
C3 T4C E . -20.24 -3.96 11.65
C10 T4C E . -20.77 -2.96 10.82
C13 T4C E . -22.12 -2.60 10.96
N T4C E . -22.42 -1.68 9.98
C12 T4C E . -21.29 -1.48 9.22
C11 T4C E . -20.27 -2.22 9.68
C14 T4C E . -22.95 -3.19 11.92
C1 T4C E . -22.41 -4.18 12.74
C T4C E . -23.20 -4.71 13.90
O T4C E . -22.62 -5.68 14.54
C1 T5L F . -12.43 0.51 3.85
C2 T5L F . -11.64 0.17 2.57
C3 T5L F . -10.74 1.28 2.13
O1 T5L F . -11.72 2.54 4.86
O3 T5L F . -11.10 2.29 1.55
O2 T5L F . -9.50 1.01 2.44
C4 T5L F . -12.60 -0.37 1.50
C5 T5L F . -13.33 -1.62 1.99
C6 T5L F . -14.04 -1.37 3.33
C7 T5L F . -13.11 -0.77 4.38
C T5L F . -11.58 1.22 4.88
O T5L F . -10.85 0.64 5.66
S SO4 G . -11.86 9.32 -23.22
O1 SO4 G . -12.89 10.25 -22.74
O2 SO4 G . -11.84 9.33 -24.67
O3 SO4 G . -10.55 9.71 -22.69
O4 SO4 G . -12.16 7.94 -22.76
S SO4 H . 3.62 -4.98 -22.70
O1 SO4 H . 2.74 -4.64 -23.81
O2 SO4 H . 3.63 -3.89 -21.72
O3 SO4 H . 4.99 -5.18 -23.19
O4 SO4 H . 3.15 -6.21 -22.06
S SO4 I . -11.12 -13.99 0.33
O1 SO4 I . -9.95 -13.20 0.66
O2 SO4 I . -11.80 -13.34 -0.79
O3 SO4 I . -12.01 -14.07 1.49
O4 SO4 I . -10.71 -15.34 -0.06
S SO4 J . -0.27 11.45 32.03
O1 SO4 J . -0.40 12.32 33.19
O2 SO4 J . -0.38 12.25 30.81
O3 SO4 J . 1.02 10.75 32.05
O4 SO4 J . -1.34 10.45 32.06
S SO4 K . -23.13 -6.29 8.68
O1 SO4 K . -23.63 -4.91 8.78
O2 SO4 K . -23.87 -6.98 7.61
O3 SO4 K . -21.68 -6.27 8.38
O4 SO4 K . -23.32 -6.99 9.96
S SO4 L . -18.43 -8.27 17.23
O1 SO4 L . -19.89 -8.27 16.95
O2 SO4 L . -17.88 -6.94 17.40
O3 SO4 L . -18.12 -8.91 18.53
O4 SO4 L . -17.68 -8.83 16.10
S DMS M . 8.55 -15.22 -4.44
O DMS M . 8.40 -14.44 -5.69
C1 DMS M . 9.93 -14.49 -3.61
C2 DMS M . 7.25 -14.62 -3.39
S DMS N . -13.48 9.91 17.55
O DMS N . -13.06 11.31 17.63
C1 DMS N . -14.60 9.70 18.89
C2 DMS N . -14.60 9.85 16.18
C ACT O . -3.01 -10.14 -21.57
O ACT O . -2.61 -9.47 -22.55
OXT ACT O . -2.28 -10.84 -20.83
CH3 ACT O . -4.52 -10.09 -21.27
#